data_7F9I
#
_entry.id   7F9I
#
_cell.length_a   56.283
_cell.length_b   72.379
_cell.length_c   34.075
_cell.angle_alpha   90.000
_cell.angle_beta   90.000
_cell.angle_gamma   90.000
#
_symmetry.space_group_name_H-M   'P 21 21 2'
#
loop_
_entity.id
_entity.type
_entity.pdbx_description
1 polymer 'EnrR repressor'
2 water water
#
_entity_poly.entity_id   1
_entity_poly.type   'polypeptide(L)'
_entity_poly.pdbx_seq_one_letter_code
;MTNSSASQKKRSKGSAQDWHRADIVAALHKRGITLAGLSRAHGLAARTLSNAMERHYPRAERLIAQALDMRPEDIWPQRY
RNKKTDGEKE
;
_entity_poly.pdbx_strand_id   A,B
#
# COMPACT_ATOMS: atom_id res chain seq x y z
N ALA A 16 -14.81 -6.14 4.40
CA ALA A 16 -14.70 -5.64 3.04
C ALA A 16 -13.62 -4.57 2.91
N GLN A 17 -13.74 -3.50 3.70
CA GLN A 17 -12.78 -2.41 3.68
C GLN A 17 -11.62 -2.66 4.65
N ASP A 18 -10.44 -2.18 4.28
CA ASP A 18 -9.27 -2.33 5.13
C ASP A 18 -9.46 -1.54 6.42
N TRP A 19 -8.78 -2.00 7.47
CA TRP A 19 -8.75 -1.23 8.72
C TRP A 19 -7.91 0.03 8.54
N HIS A 20 -8.33 1.10 9.20
CA HIS A 20 -7.48 2.28 9.25
C HIS A 20 -6.40 2.09 10.32
N ARG A 21 -5.32 2.87 10.17
CA ARG A 21 -4.32 3.04 11.22
C ARG A 21 -4.96 3.26 12.58
N ALA A 22 -6.04 4.04 12.62
CA ALA A 22 -6.70 4.34 13.89
C ALA A 22 -7.41 3.12 14.44
N ASP A 23 -7.96 2.27 13.56
CA ASP A 23 -8.58 1.03 14.02
C ASP A 23 -7.53 0.07 14.57
N ILE A 24 -6.41 -0.06 13.86
CA ILE A 24 -5.36 -0.99 14.28
C ILE A 24 -4.75 -0.55 15.60
N VAL A 25 -4.33 0.72 15.68
CA VAL A 25 -3.74 1.25 16.91
C VAL A 25 -4.66 1.04 18.10
N ALA A 26 -5.92 1.51 17.97
CA ALA A 26 -6.90 1.36 19.05
C ALA A 26 -7.00 -0.09 19.50
N ALA A 27 -7.08 -1.03 18.55
CA ALA A 27 -7.22 -2.44 18.91
C ALA A 27 -6.01 -2.95 19.68
N LEU A 28 -4.82 -2.53 19.27
CA LEU A 28 -3.62 -2.83 20.04
C LEU A 28 -3.70 -2.23 21.45
N HIS A 29 -4.06 -0.95 21.55
CA HIS A 29 -4.21 -0.31 22.86
C HIS A 29 -5.23 -1.03 23.73
N LYS A 30 -6.26 -1.64 23.11
CA LYS A 30 -7.20 -2.45 23.86
C LYS A 30 -6.49 -3.56 24.63
N ARG A 31 -5.54 -4.23 23.99
CA ARG A 31 -4.74 -5.27 24.62
C ARG A 31 -3.47 -4.73 25.28
N GLY A 32 -3.34 -3.40 25.39
CA GLY A 32 -2.18 -2.83 26.05
C GLY A 32 -0.89 -2.87 25.28
N ILE A 33 -0.96 -2.95 23.95
CA ILE A 33 0.22 -2.98 23.09
C ILE A 33 0.41 -1.59 22.48
N THR A 34 1.68 -1.23 22.25
CA THR A 34 2.02 -0.03 21.50
C THR A 34 2.92 -0.40 20.33
N LEU A 35 2.98 0.50 19.34
CA LEU A 35 3.86 0.27 18.20
C LEU A 35 5.32 0.37 18.60
N ALA A 36 5.66 1.32 19.49
CA ALA A 36 7.00 1.36 20.07
C ALA A 36 7.36 0.03 20.72
N GLY A 37 6.46 -0.50 21.55
CA GLY A 37 6.73 -1.75 22.22
C GLY A 37 6.79 -2.94 21.28
N LEU A 38 5.86 -3.01 20.32
CA LEU A 38 5.85 -4.14 19.41
C LEU A 38 7.00 -4.09 18.42
N SER A 39 7.50 -2.90 18.10
CA SER A 39 8.67 -2.78 17.24
C SER A 39 9.92 -3.24 17.96
N ARG A 40 10.18 -2.68 19.16
CA ARG A 40 11.31 -3.10 19.96
C ARG A 40 11.35 -4.61 20.17
N ALA A 41 10.17 -5.20 20.41
CA ALA A 41 10.11 -6.63 20.71
C ALA A 41 10.59 -7.47 19.53
N HIS A 42 10.11 -7.15 18.33
CA HIS A 42 10.48 -7.89 17.12
C HIS A 42 11.72 -7.33 16.45
N GLY A 43 12.42 -6.39 17.08
CA GLY A 43 13.70 -5.93 16.57
C GLY A 43 13.59 -5.08 15.32
N LEU A 44 12.51 -4.33 15.17
CA LEU A 44 12.24 -3.60 13.95
C LEU A 44 12.67 -2.14 14.08
N ALA A 45 12.86 -1.50 12.92
CA ALA A 45 13.00 -0.06 12.87
C ALA A 45 11.67 0.60 13.20
N ALA A 46 11.76 1.83 13.72
CA ALA A 46 10.57 2.57 14.16
C ALA A 46 9.46 2.54 13.12
N ARG A 47 9.73 3.10 11.94
CA ARG A 47 8.68 3.34 10.95
C ARG A 47 8.18 2.06 10.27
N THR A 48 8.84 0.93 10.48
CA THR A 48 8.44 -0.32 9.81
C THR A 48 6.96 -0.65 10.07
N LEU A 49 6.54 -0.63 11.34
CA LEU A 49 5.15 -0.93 11.64
C LEU A 49 4.25 0.25 11.31
N SER A 50 4.72 1.48 11.56
CA SER A 50 3.93 2.66 11.22
C SER A 50 3.62 2.71 9.72
N ASN A 51 4.61 2.41 8.89
CA ASN A 51 4.38 2.43 7.44
C ASN A 51 3.39 1.34 7.02
N ALA A 52 3.41 0.19 7.68
CA ALA A 52 2.47 -0.88 7.36
C ALA A 52 1.03 -0.48 7.63
N MET A 53 0.81 0.61 8.38
CA MET A 53 -0.56 1.09 8.57
C MET A 53 -1.11 1.69 7.28
N GLU A 54 -0.25 2.30 6.45
CA GLU A 54 -0.67 2.89 5.19
C GLU A 54 -0.40 2.00 4.00
N ARG A 55 0.80 1.42 3.89
CA ARG A 55 1.24 0.76 2.67
C ARG A 55 1.64 -0.69 2.93
N HIS A 56 1.11 -1.57 2.09
CA HIS A 56 1.22 -3.03 2.23
C HIS A 56 2.66 -3.51 2.42
N TYR A 57 2.86 -4.33 3.47
CA TYR A 57 4.12 -5.05 3.67
C TYR A 57 3.78 -6.37 4.37
N PRO A 58 3.78 -7.49 3.64
CA PRO A 58 3.25 -8.76 4.20
C PRO A 58 3.85 -9.18 5.53
N ARG A 59 5.18 -9.10 5.69
CA ARG A 59 5.80 -9.65 6.89
C ARG A 59 5.49 -8.80 8.12
N ALA A 60 5.35 -7.48 7.95
CA ALA A 60 4.94 -6.62 9.05
C ALA A 60 3.47 -6.81 9.39
N GLU A 61 2.64 -7.12 8.39
CA GLU A 61 1.22 -7.33 8.65
C GLU A 61 0.96 -8.65 9.37
N ARG A 62 1.80 -9.66 9.13
CA ARG A 62 1.67 -10.91 9.88
C ARG A 62 2.00 -10.70 11.35
N LEU A 63 2.93 -9.79 11.65
CA LEU A 63 3.27 -9.52 13.04
C LEU A 63 2.12 -8.84 13.77
N ILE A 64 1.44 -7.90 13.10
CA ILE A 64 0.36 -7.15 13.73
C ILE A 64 -0.88 -8.03 13.86
N ALA A 65 -1.23 -8.76 12.80
CA ALA A 65 -2.33 -9.72 12.85
C ALA A 65 -2.21 -10.67 14.04
N GLN A 66 -1.03 -11.26 14.24
CA GLN A 66 -0.86 -12.25 15.30
C GLN A 66 -0.95 -11.61 16.67
N ALA A 67 -0.51 -10.36 16.81
CA ALA A 67 -0.72 -9.62 18.05
C ALA A 67 -2.20 -9.45 18.38
N LEU A 68 -3.07 -9.52 17.38
CA LEU A 68 -4.50 -9.33 17.56
C LEU A 68 -5.29 -10.63 17.37
N ASP A 69 -4.62 -11.78 17.48
CA ASP A 69 -5.27 -13.09 17.34
C ASP A 69 -6.05 -13.20 16.04
N MET A 70 -5.48 -12.67 14.96
CA MET A 70 -6.17 -12.60 13.68
C MET A 70 -5.24 -13.03 12.55
N ARG A 71 -5.83 -13.25 11.38
CA ARG A 71 -5.15 -13.37 10.11
C ARG A 71 -5.06 -12.00 9.45
N PRO A 72 -3.92 -11.66 8.84
CA PRO A 72 -3.82 -10.34 8.19
C PRO A 72 -4.86 -10.12 7.11
N GLU A 73 -5.44 -11.18 6.57
CA GLU A 73 -6.48 -11.05 5.55
C GLU A 73 -7.76 -10.45 6.09
N ASP A 74 -8.00 -10.56 7.40
CA ASP A 74 -9.20 -9.97 8.00
C ASP A 74 -9.00 -8.51 8.36
N ILE A 75 -7.77 -8.11 8.71
CA ILE A 75 -7.49 -6.70 8.91
C ILE A 75 -7.40 -5.98 7.58
N TRP A 76 -6.76 -6.60 6.59
CA TRP A 76 -6.55 -6.00 5.26
C TRP A 76 -7.18 -6.86 4.18
N PRO A 77 -8.51 -6.92 4.11
CA PRO A 77 -9.15 -7.69 3.04
C PRO A 77 -8.82 -7.18 1.64
N GLN A 78 -8.68 -5.87 1.46
CA GLN A 78 -8.46 -5.33 0.12
C GLN A 78 -7.03 -5.53 -0.34
N ARG A 79 -6.06 -5.22 0.53
CA ARG A 79 -4.65 -5.46 0.23
C ARG A 79 -4.42 -6.87 -0.28
N TYR A 80 -5.05 -7.86 0.36
CA TYR A 80 -4.84 -9.25 -0.01
C TYR A 80 -5.69 -9.66 -1.20
N ARG A 81 -6.76 -8.92 -1.49
CA ARG A 81 -7.48 -9.14 -2.74
C ARG A 81 -6.82 -8.44 -3.93
N ASN A 82 -6.19 -7.29 -3.71
CA ASN A 82 -5.57 -6.54 -4.80
C ASN A 82 -4.13 -6.94 -5.08
N LYS A 83 -3.76 -8.19 -4.87
CA LYS A 83 -2.45 -8.66 -5.30
C LYS A 83 -2.57 -9.97 -6.06
N ALA B 16 10.08 6.23 0.93
CA ALA B 16 11.33 5.49 0.75
C ALA B 16 11.11 4.29 -0.17
N GLN B 17 10.20 3.41 0.21
CA GLN B 17 9.86 2.25 -0.59
C GLN B 17 8.74 2.57 -1.56
N ASP B 18 8.78 1.92 -2.73
CA ASP B 18 7.75 2.10 -3.73
C ASP B 18 6.39 1.63 -3.22
N TRP B 19 5.33 2.20 -3.77
CA TRP B 19 3.99 1.72 -3.48
C TRP B 19 3.77 0.36 -4.13
N HIS B 20 3.02 -0.50 -3.44
CA HIS B 20 2.60 -1.75 -4.04
C HIS B 20 1.40 -1.54 -4.96
N ARG B 21 1.18 -2.51 -5.84
CA ARG B 21 -0.04 -2.63 -6.63
C ARG B 21 -1.29 -2.44 -5.79
N ALA B 22 -1.30 -3.01 -4.59
CA ALA B 22 -2.49 -2.90 -3.74
C ALA B 22 -2.62 -1.49 -3.18
N ASP B 23 -1.51 -0.80 -2.94
CA ASP B 23 -1.58 0.59 -2.49
C ASP B 23 -2.09 1.49 -3.60
N ILE B 24 -1.57 1.31 -4.82
CA ILE B 24 -1.97 2.15 -5.93
C ILE B 24 -3.44 1.94 -6.27
N VAL B 25 -3.84 0.68 -6.42
CA VAL B 25 -5.24 0.34 -6.72
C VAL B 25 -6.17 0.95 -5.68
N ALA B 26 -5.92 0.66 -4.40
CA ALA B 26 -6.74 1.19 -3.32
C ALA B 26 -6.91 2.70 -3.42
N ALA B 27 -5.80 3.42 -3.65
CA ALA B 27 -5.87 4.88 -3.71
C ALA B 27 -6.74 5.36 -4.86
N LEU B 28 -6.63 4.71 -6.02
CA LEU B 28 -7.53 5.00 -7.13
C LEU B 28 -8.99 4.74 -6.75
N HIS B 29 -9.27 3.57 -6.18
CA HIS B 29 -10.63 3.25 -5.75
C HIS B 29 -11.16 4.27 -4.75
N LYS B 30 -10.27 4.86 -3.93
CA LYS B 30 -10.67 5.93 -3.04
C LYS B 30 -11.33 7.08 -3.80
N ARG B 31 -10.74 7.46 -4.94
CA ARG B 31 -11.31 8.48 -5.81
C ARG B 31 -12.27 7.92 -6.85
N GLY B 32 -12.64 6.65 -6.73
CA GLY B 32 -13.58 6.07 -7.67
C GLY B 32 -13.03 5.74 -9.04
N ILE B 33 -11.71 5.53 -9.14
CA ILE B 33 -11.07 5.20 -10.41
C ILE B 33 -10.77 3.71 -10.45
N THR B 34 -10.83 3.12 -11.63
CA THR B 34 -10.38 1.77 -11.88
C THR B 34 -9.35 1.77 -13.00
N LEU B 35 -8.56 0.69 -13.07
CA LEU B 35 -7.58 0.58 -14.14
C LEU B 35 -8.25 0.38 -15.49
N ALA B 36 -9.34 -0.39 -15.52
CA ALA B 36 -10.16 -0.48 -16.73
C ALA B 36 -10.60 0.90 -17.21
N GLY B 37 -11.14 1.71 -16.29
CA GLY B 37 -11.61 3.03 -16.68
C GLY B 37 -10.48 3.97 -17.08
N LEU B 38 -9.38 3.95 -16.33
CA LEU B 38 -8.27 4.85 -16.64
C LEU B 38 -7.54 4.45 -17.91
N SER B 39 -7.56 3.15 -18.25
CA SER B 39 -6.96 2.71 -19.51
C SER B 39 -7.80 3.16 -20.70
N ARG B 40 -9.10 2.87 -20.66
CA ARG B 40 -10.01 3.31 -21.72
C ARG B 40 -9.90 4.80 -21.97
N ALA B 41 -9.77 5.60 -20.91
CA ALA B 41 -9.75 7.05 -21.04
C ALA B 41 -8.53 7.51 -21.83
N HIS B 42 -7.35 6.99 -21.48
CA HIS B 42 -6.11 7.38 -22.13
C HIS B 42 -5.79 6.51 -23.35
N GLY B 43 -6.72 5.66 -23.78
CA GLY B 43 -6.55 4.93 -25.02
C GLY B 43 -5.49 3.85 -24.97
N LEU B 44 -5.30 3.23 -23.81
CA LEU B 44 -4.21 2.30 -23.60
C LEU B 44 -4.68 0.86 -23.77
N ALA B 45 -3.71 -0.02 -24.02
CA ALA B 45 -3.98 -1.45 -23.92
C ALA B 45 -4.20 -1.84 -22.47
N ALA B 46 -4.97 -2.92 -22.27
CA ALA B 46 -5.33 -3.36 -20.93
C ALA B 46 -4.13 -3.43 -19.99
N ARG B 47 -3.15 -4.27 -20.32
CA ARG B 47 -2.07 -4.58 -19.41
C ARG B 47 -1.07 -3.45 -19.24
N THR B 48 -1.16 -2.38 -20.05
CA THR B 48 -0.21 -1.27 -19.96
C THR B 48 -0.13 -0.71 -18.54
N LEU B 49 -1.28 -0.40 -17.95
CA LEU B 49 -1.28 0.13 -16.59
C LEU B 49 -1.03 -0.97 -15.55
N SER B 50 -1.57 -2.17 -15.79
CA SER B 50 -1.33 -3.27 -14.88
C SER B 50 0.15 -3.60 -14.76
N ASN B 51 0.87 -3.63 -15.88
CA ASN B 51 2.29 -3.93 -15.85
C ASN B 51 3.08 -2.85 -15.11
N ALA B 52 2.66 -1.59 -15.22
CA ALA B 52 3.33 -0.51 -14.51
C ALA B 52 3.24 -0.65 -13.00
N MET B 53 2.34 -1.50 -12.48
CA MET B 53 2.29 -1.75 -11.05
C MET B 53 3.52 -2.55 -10.59
N GLU B 54 4.06 -3.41 -11.44
CA GLU B 54 5.24 -4.19 -11.12
C GLU B 54 6.52 -3.61 -11.70
N ARG B 55 6.51 -3.24 -12.99
CA ARG B 55 7.73 -2.92 -13.71
C ARG B 55 7.68 -1.53 -14.31
N HIS B 56 8.76 -0.77 -14.09
CA HIS B 56 8.88 0.65 -14.43
C HIS B 56 8.55 0.94 -15.89
N TYR B 57 7.67 1.93 -16.10
CA TYR B 57 7.39 2.49 -17.42
C TYR B 57 7.04 3.96 -17.22
N PRO B 58 7.96 4.88 -17.50
CA PRO B 58 7.78 6.29 -17.09
C PRO B 58 6.48 6.95 -17.54
N ARG B 59 6.07 6.81 -18.81
CA ARG B 59 4.93 7.58 -19.27
C ARG B 59 3.60 7.04 -18.71
N ALA B 60 3.52 5.73 -18.46
CA ALA B 60 2.30 5.20 -17.83
C ALA B 60 2.23 5.56 -16.36
N GLU B 61 3.38 5.64 -15.69
CA GLU B 61 3.36 6.01 -14.28
C GLU B 61 3.10 7.51 -14.11
N ARG B 62 3.46 8.33 -15.10
CA ARG B 62 3.06 9.73 -15.06
C ARG B 62 1.55 9.88 -15.14
N LEU B 63 0.88 8.98 -15.87
CA LEU B 63 -0.58 9.04 -15.97
C LEU B 63 -1.24 8.69 -14.63
N ILE B 64 -0.69 7.71 -13.92
CA ILE B 64 -1.29 7.27 -12.66
C ILE B 64 -1.05 8.30 -11.56
N ALA B 65 0.18 8.83 -11.49
CA ALA B 65 0.50 9.91 -10.57
C ALA B 65 -0.48 11.07 -10.69
N GLN B 66 -0.76 11.52 -11.91
CA GLN B 66 -1.62 12.69 -12.07
C GLN B 66 -3.06 12.39 -11.69
N ALA B 67 -3.51 11.15 -11.89
CA ALA B 67 -4.81 10.73 -11.39
C ALA B 67 -4.92 10.85 -9.87
N LEU B 68 -3.79 10.81 -9.17
CA LEU B 68 -3.78 10.86 -7.72
C LEU B 68 -3.22 12.18 -7.19
N ASP B 69 -3.19 13.22 -8.02
CA ASP B 69 -2.69 14.55 -7.61
C ASP B 69 -1.28 14.45 -7.03
N MET B 70 -0.42 13.64 -7.65
CA MET B 70 0.92 13.39 -7.14
C MET B 70 1.94 13.46 -8.27
N ARG B 71 3.21 13.49 -7.87
CA ARG B 71 4.35 13.26 -8.75
C ARG B 71 4.71 11.79 -8.75
N PRO B 72 5.04 11.19 -9.89
CA PRO B 72 5.39 9.76 -9.90
C PRO B 72 6.58 9.44 -9.01
N GLU B 73 7.40 10.43 -8.69
CA GLU B 73 8.55 10.22 -7.81
C GLU B 73 8.13 9.92 -6.38
N ASP B 74 6.93 10.34 -5.97
CA ASP B 74 6.43 10.06 -4.63
C ASP B 74 5.77 8.69 -4.53
N ILE B 75 5.15 8.22 -5.61
CA ILE B 75 4.62 6.86 -5.63
C ILE B 75 5.77 5.85 -5.77
N TRP B 76 6.73 6.14 -6.65
CA TRP B 76 7.85 5.24 -6.93
C TRP B 76 9.17 5.93 -6.61
N PRO B 77 9.47 6.17 -5.32
CA PRO B 77 10.75 6.79 -4.98
C PRO B 77 11.94 5.95 -5.40
N GLN B 78 11.84 4.62 -5.33
CA GLN B 78 13.00 3.78 -5.66
C GLN B 78 13.22 3.71 -7.17
N ARG B 79 12.15 3.47 -7.93
CA ARG B 79 12.25 3.48 -9.39
C ARG B 79 12.95 4.73 -9.89
N TYR B 80 12.62 5.89 -9.33
CA TYR B 80 13.22 7.14 -9.79
C TYR B 80 14.59 7.41 -9.15
N ARG B 81 14.89 6.79 -8.01
CA ARG B 81 16.25 6.80 -7.50
C ARG B 81 17.11 5.76 -8.19
N ASN B 82 16.52 4.63 -8.56
CA ASN B 82 17.17 3.54 -9.28
C ASN B 82 17.08 3.76 -10.79
N LYS B 83 17.25 5.01 -11.21
CA LYS B 83 17.33 5.35 -12.62
C LYS B 83 18.67 5.95 -12.99
N LYS B 84 19.45 6.42 -12.02
CA LYS B 84 20.82 6.84 -12.28
C LYS B 84 21.79 5.76 -11.85
#